data_5F5V
#
_entry.id   5F5V
#
_cell.length_a   84.810
_cell.length_b   84.810
_cell.length_c   96.390
_cell.angle_alpha   90.000
_cell.angle_beta   90.000
_cell.angle_gamma   120.000
#
_symmetry.space_group_name_H-M   'P 32'
#
loop_
_entity.id
_entity.type
_entity.pdbx_description
1 polymer Prp38
2 polymer 'Putative uncharacterized protein'
3 polymer 'Zinc finger domain-containing protein'
#
loop_
_entity_poly.entity_id
_entity_poly.type
_entity_poly.pdbx_seq_one_letter_code
_entity_poly.pdbx_strand_id
1 'polypeptide(L)'
;GAMGSKPDTHRADERRFLDERGSSGPLAPNGLNPATIMEKAVRERIVESYFWKEQCFGVNEADIVDRVVEHVRFVGGVTG
VTQKPSPFLCLAFKLLQLAPGDDILKEYLYFGGEKFKYLRALAAFYIRLTRPDKEVYTLLEPFLEDRRKLRRKGKNGTSL
TYMDEFIDDLLTKDRVCSTSLWKMRRRDILEDLDLLEPRVSPLGSLEDILEEEEQAAKNEDGE
;
A,D
2 'polypeptide(L)'
;GAMGTTDDVDPEAEYAAWKLRELRRLRRERDAIEARERELAELERRRNLTEEERRAEDEAHLAKQKAEKESRGKMGYLQK
YFHR
;
B,E
3 'polypeptide(L)' GAGEVKKATAEEVHARIEFLWQREQEKKKEQVVSLK C,F
#
# COMPACT_ATOMS: atom_id res chain seq x y z
N GLY A 22 4.81 -16.68 45.67
CA GLY A 22 4.34 -15.31 45.77
C GLY A 22 5.49 -14.31 45.67
N SER A 23 6.69 -14.76 46.00
CA SER A 23 7.86 -13.91 45.93
C SER A 23 8.19 -13.55 44.49
N SER A 24 8.82 -12.39 44.30
CA SER A 24 9.14 -11.92 42.96
C SER A 24 10.62 -12.05 42.63
N GLY A 25 10.90 -12.69 41.51
CA GLY A 25 12.26 -12.77 40.98
C GLY A 25 12.67 -11.38 40.54
N PRO A 26 13.95 -11.20 40.16
CA PRO A 26 14.38 -9.86 39.73
C PRO A 26 13.47 -9.31 38.64
N LEU A 27 12.94 -8.12 38.88
CA LEU A 27 11.89 -7.55 38.03
C LEU A 27 12.43 -6.93 36.75
N ALA A 28 11.64 -7.03 35.68
CA ALA A 28 11.96 -6.39 34.42
C ALA A 28 11.82 -4.89 34.57
N PRO A 29 12.56 -4.11 33.77
CA PRO A 29 12.46 -2.64 33.77
C PRO A 29 11.02 -2.16 33.57
N ASN A 30 10.20 -2.98 32.93
CA ASN A 30 8.79 -2.69 32.75
C ASN A 30 8.06 -2.61 34.08
N GLY A 31 8.55 -3.35 35.07
CA GLY A 31 7.95 -3.37 36.39
C GLY A 31 7.08 -4.58 36.64
N LEU A 32 7.11 -5.54 35.72
CA LEU A 32 6.31 -6.76 35.86
C LEU A 32 7.19 -8.00 35.90
N ASN A 33 6.88 -8.91 36.82
CA ASN A 33 7.62 -10.16 36.93
C ASN A 33 7.33 -11.06 35.73
N PRO A 34 8.37 -11.73 35.21
CA PRO A 34 8.34 -12.58 34.01
C PRO A 34 7.17 -13.57 33.95
N ALA A 35 6.76 -14.11 35.09
CA ALA A 35 5.69 -15.11 35.11
C ALA A 35 4.33 -14.54 34.74
N THR A 36 3.98 -13.41 35.35
CA THR A 36 2.64 -12.83 35.20
C THR A 36 2.31 -12.38 33.77
N ILE A 37 3.27 -11.83 33.06
CA ILE A 37 3.02 -11.34 31.71
C ILE A 37 2.67 -12.47 30.76
N MET A 38 3.13 -13.67 31.07
CA MET A 38 2.73 -14.87 30.35
C MET A 38 1.45 -15.44 30.96
N GLU A 39 0.56 -15.93 30.10
CA GLU A 39 -0.67 -16.56 30.57
C GLU A 39 -0.37 -18.00 30.96
N LYS A 40 -1.08 -18.50 31.98
CA LYS A 40 -0.82 -19.84 32.51
C LYS A 40 -0.93 -20.92 31.44
N ALA A 41 -2.02 -20.87 30.68
CA ALA A 41 -2.30 -21.88 29.66
C ALA A 41 -1.20 -21.97 28.61
N VAL A 42 -0.82 -20.84 28.04
CA VAL A 42 0.17 -20.84 26.97
C VAL A 42 1.57 -21.22 27.46
N ARG A 43 1.96 -20.74 28.65
CA ARG A 43 3.28 -21.03 29.16
C ARG A 43 3.41 -22.50 29.59
N GLU A 44 2.35 -23.04 30.20
CA GLU A 44 2.36 -24.45 30.55
C GLU A 44 2.33 -25.29 29.27
N ARG A 45 1.65 -24.78 28.26
CA ARG A 45 1.63 -25.43 26.95
C ARG A 45 3.02 -25.46 26.35
N ILE A 46 3.79 -24.41 26.58
CA ILE A 46 5.18 -24.36 26.14
C ILE A 46 6.01 -25.39 26.91
N VAL A 47 5.86 -25.42 28.22
CA VAL A 47 6.63 -26.33 29.07
C VAL A 47 6.34 -27.80 28.73
N GLU A 48 5.10 -28.09 28.36
CA GLU A 48 4.69 -29.45 28.06
C GLU A 48 5.26 -29.95 26.72
N SER A 49 5.50 -29.01 25.81
CA SER A 49 5.96 -29.37 24.46
C SER A 49 7.31 -30.07 24.46
N TYR A 50 7.42 -31.12 23.65
CA TYR A 50 8.65 -31.90 23.51
C TYR A 50 9.82 -31.05 23.01
N PHE A 51 9.54 -30.23 21.99
CA PHE A 51 10.54 -29.34 21.41
C PHE A 51 11.19 -28.47 22.49
N TRP A 52 10.36 -27.92 23.36
CA TRP A 52 10.84 -27.11 24.48
C TRP A 52 11.72 -27.95 25.41
N LYS A 53 11.30 -29.18 25.68
CA LYS A 53 12.02 -30.00 26.63
C LYS A 53 13.41 -30.37 26.11
N GLU A 54 13.52 -30.59 24.80
CA GLU A 54 14.81 -30.96 24.23
C GLU A 54 15.70 -29.75 23.93
N GLN A 55 15.13 -28.71 23.34
CA GLN A 55 15.93 -27.58 22.86
C GLN A 55 16.12 -26.42 23.85
N CYS A 56 15.27 -26.34 24.86
CA CYS A 56 15.30 -25.20 25.78
C CYS A 56 16.01 -25.43 27.10
N PHE A 57 16.69 -26.57 27.25
CA PHE A 57 17.37 -26.86 28.50
C PHE A 57 18.84 -26.44 28.46
N GLY A 58 19.23 -25.59 29.40
CA GLY A 58 20.61 -25.12 29.50
C GLY A 58 21.11 -24.37 28.27
N VAL A 59 20.43 -23.29 27.91
CA VAL A 59 20.72 -22.59 26.68
C VAL A 59 21.32 -21.19 26.92
N ASN A 60 22.58 -21.03 26.53
CA ASN A 60 23.26 -19.74 26.57
C ASN A 60 22.76 -18.87 25.43
N GLU A 61 22.96 -17.55 25.53
CA GLU A 61 22.46 -16.61 24.53
C GLU A 61 22.87 -16.98 23.10
N ALA A 62 24.14 -17.29 22.92
CA ALA A 62 24.65 -17.75 21.63
C ALA A 62 23.94 -19.02 21.20
N ASP A 63 23.72 -19.91 22.15
CA ASP A 63 23.00 -21.15 21.86
C ASP A 63 21.57 -20.89 21.42
N ILE A 64 20.89 -19.92 22.03
CA ILE A 64 19.53 -19.57 21.58
C ILE A 64 19.60 -18.99 20.18
N VAL A 65 20.66 -18.22 19.89
CA VAL A 65 20.87 -17.73 18.54
C VAL A 65 20.94 -18.89 17.55
N ASP A 66 21.68 -19.92 17.94
CA ASP A 66 21.79 -21.15 17.14
C ASP A 66 20.42 -21.80 16.91
N ARG A 67 19.68 -22.01 18.01
CA ARG A 67 18.36 -22.64 17.92
C ARG A 67 17.44 -21.82 17.01
N VAL A 68 17.57 -20.50 17.08
CA VAL A 68 16.84 -19.59 16.20
C VAL A 68 17.18 -19.88 14.74
N VAL A 69 18.44 -19.65 14.38
CA VAL A 69 18.83 -19.74 12.97
C VAL A 69 18.60 -21.14 12.40
N GLU A 70 18.60 -22.16 13.26
CA GLU A 70 18.33 -23.51 12.79
C GLU A 70 16.84 -23.82 12.63
N HIS A 71 16.06 -23.57 13.69
CA HIS A 71 14.69 -24.08 13.74
C HIS A 71 13.51 -23.11 13.55
N VAL A 72 13.75 -21.81 13.38
CA VAL A 72 12.59 -20.93 13.18
C VAL A 72 12.46 -20.45 11.74
N ARG A 73 11.38 -20.88 11.09
CA ARG A 73 11.10 -20.41 9.74
C ARG A 73 9.93 -19.43 9.70
N PHE A 74 9.32 -19.18 10.86
CA PHE A 74 8.14 -18.31 10.91
C PHE A 74 7.89 -17.76 12.32
N VAL A 75 6.86 -16.93 12.45
CA VAL A 75 6.51 -16.33 13.73
C VAL A 75 5.05 -16.60 14.06
N GLY A 76 4.80 -17.04 15.29
CA GLY A 76 3.45 -17.06 15.83
C GLY A 76 3.46 -17.40 17.30
N GLY A 77 2.37 -17.05 18.00
CA GLY A 77 2.21 -17.51 19.36
C GLY A 77 1.81 -18.97 19.46
N VAL A 78 0.76 -19.34 18.73
CA VAL A 78 0.23 -20.71 18.79
C VAL A 78 -0.19 -21.15 17.39
N THR A 79 -0.09 -22.44 17.10
CA THR A 79 -0.43 -22.96 15.78
C THR A 79 -1.28 -24.23 15.82
N GLY A 80 -2.31 -24.27 14.98
CA GLY A 80 -3.10 -25.47 14.76
C GLY A 80 -4.11 -25.78 15.84
N VAL A 81 -4.88 -26.85 15.64
CA VAL A 81 -5.82 -27.34 16.65
C VAL A 81 -5.07 -27.94 17.82
N THR A 82 -3.86 -28.44 17.55
CA THR A 82 -2.99 -29.00 18.58
C THR A 82 -2.57 -27.94 19.59
N GLN A 83 -2.65 -26.69 19.16
CA GLN A 83 -2.23 -25.53 19.95
C GLN A 83 -0.76 -25.62 20.31
N LYS A 84 0.02 -26.28 19.48
CA LYS A 84 1.44 -26.41 19.75
C LYS A 84 2.10 -25.03 19.68
N PRO A 85 2.93 -24.71 20.68
CA PRO A 85 3.58 -23.41 20.61
C PRO A 85 4.68 -23.39 19.55
N SER A 86 4.80 -22.27 18.85
CA SER A 86 5.84 -22.10 17.83
C SER A 86 7.18 -21.98 18.52
N PRO A 87 8.24 -22.46 17.86
CA PRO A 87 9.62 -22.32 18.38
C PRO A 87 9.96 -20.87 18.73
N PHE A 88 9.43 -19.94 17.94
CA PHE A 88 9.58 -18.52 18.19
C PHE A 88 9.11 -18.15 19.60
N LEU A 89 7.93 -18.63 19.98
CA LEU A 89 7.38 -18.32 21.30
C LEU A 89 8.14 -19.04 22.42
N CYS A 90 8.58 -20.26 22.15
CA CYS A 90 9.33 -21.03 23.14
C CYS A 90 10.65 -20.34 23.46
N LEU A 91 11.39 -19.98 22.42
CA LEU A 91 12.66 -19.27 22.59
C LEU A 91 12.41 -17.89 23.21
N ALA A 92 11.27 -17.31 22.90
CA ALA A 92 10.86 -16.05 23.53
C ALA A 92 10.71 -16.23 25.04
N PHE A 93 10.12 -17.36 25.43
CA PHE A 93 9.90 -17.68 26.83
C PHE A 93 11.23 -17.94 27.54
N LYS A 94 12.13 -18.66 26.88
CA LYS A 94 13.45 -18.92 27.46
C LYS A 94 14.21 -17.61 27.66
N LEU A 95 14.14 -16.74 26.65
CA LEU A 95 14.77 -15.42 26.75
C LEU A 95 14.14 -14.61 27.87
N LEU A 96 12.84 -14.80 28.07
CA LEU A 96 12.10 -14.11 29.12
C LEU A 96 12.60 -14.54 30.50
N GLN A 97 12.76 -15.85 30.67
CA GLN A 97 13.27 -16.42 31.92
C GLN A 97 14.70 -15.96 32.17
N LEU A 98 15.50 -15.91 31.12
CA LEU A 98 16.91 -15.55 31.22
C LEU A 98 17.08 -14.10 31.65
N ALA A 99 16.22 -13.24 31.12
CA ALA A 99 16.22 -11.80 31.42
C ALA A 99 17.55 -11.11 31.11
N PRO A 100 18.08 -11.26 29.88
CA PRO A 100 19.39 -10.70 29.56
C PRO A 100 19.40 -9.17 29.60
N GLY A 101 20.58 -8.57 29.75
CA GLY A 101 20.71 -7.14 29.87
C GLY A 101 20.45 -6.40 28.56
N ASP A 102 20.17 -5.11 28.66
CA ASP A 102 19.67 -4.35 27.51
C ASP A 102 20.71 -4.19 26.40
N ASP A 103 21.93 -3.81 26.77
CA ASP A 103 22.99 -3.58 25.79
C ASP A 103 23.23 -4.77 24.87
N ILE A 104 23.30 -5.96 25.45
CA ILE A 104 23.59 -7.16 24.68
C ILE A 104 22.42 -7.58 23.78
N LEU A 105 21.19 -7.32 24.20
CA LEU A 105 20.04 -7.60 23.34
C LEU A 105 19.94 -6.57 22.21
N LYS A 106 20.31 -5.33 22.48
CA LYS A 106 20.36 -4.30 21.45
C LYS A 106 21.37 -4.69 20.38
N GLU A 107 22.58 -5.01 20.82
CA GLU A 107 23.63 -5.49 19.93
C GLU A 107 23.16 -6.73 19.17
N TYR A 108 22.40 -7.57 19.89
CA TYR A 108 21.83 -8.80 19.36
C TYR A 108 20.93 -8.52 18.16
N LEU A 109 19.93 -7.66 18.36
CA LEU A 109 18.99 -7.34 17.29
C LEU A 109 19.66 -6.59 16.15
N TYR A 110 20.64 -5.74 16.47
CA TYR A 110 21.35 -5.02 15.43
C TYR A 110 22.15 -5.96 14.54
N PHE A 111 23.09 -6.70 15.12
CA PHE A 111 23.96 -7.59 14.36
C PHE A 111 23.18 -8.71 13.69
N GLY A 112 22.47 -9.48 14.51
CA GLY A 112 21.66 -10.59 14.02
C GLY A 112 20.67 -10.09 12.98
N GLY A 113 20.11 -8.93 13.24
CA GLY A 113 19.18 -8.29 12.33
C GLY A 113 19.75 -7.97 10.97
N GLU A 114 20.96 -7.42 10.95
CA GLU A 114 21.64 -7.17 9.69
C GLU A 114 21.89 -8.50 9.00
N LYS A 115 22.13 -9.55 9.78
CA LYS A 115 22.30 -10.87 9.20
C LYS A 115 20.98 -11.61 8.91
N PHE A 116 20.05 -11.59 9.87
CA PHE A 116 18.77 -12.30 9.72
C PHE A 116 17.59 -11.63 10.44
N LYS A 117 16.39 -11.83 9.89
CA LYS A 117 15.19 -11.11 10.32
C LYS A 117 14.46 -11.67 11.55
N TYR A 118 14.36 -12.99 11.65
CA TYR A 118 13.59 -13.62 12.71
C TYR A 118 14.20 -13.33 14.08
N LEU A 119 15.51 -13.16 14.09
CA LEU A 119 16.24 -12.75 15.29
C LEU A 119 15.76 -11.36 15.73
N ARG A 120 15.59 -10.47 14.75
CA ARG A 120 15.04 -9.14 15.00
C ARG A 120 13.63 -9.23 15.56
N ALA A 121 12.81 -10.11 14.98
CA ALA A 121 11.45 -10.30 15.46
C ALA A 121 11.44 -10.73 16.93
N LEU A 122 12.33 -11.67 17.25
CA LEU A 122 12.44 -12.19 18.61
C LEU A 122 12.84 -11.10 19.59
N ALA A 123 13.93 -10.40 19.28
CA ALA A 123 14.42 -9.34 20.14
C ALA A 123 13.38 -8.24 20.32
N ALA A 124 12.67 -7.92 19.25
CA ALA A 124 11.64 -6.87 19.27
C ALA A 124 10.49 -7.26 20.19
N PHE A 125 9.96 -8.46 19.99
CA PHE A 125 8.91 -8.99 20.85
C PHE A 125 9.35 -8.93 22.32
N TYR A 126 10.56 -9.43 22.56
CA TYR A 126 11.11 -9.47 23.90
C TYR A 126 11.19 -8.08 24.55
N ILE A 127 11.70 -7.11 23.80
CA ILE A 127 11.83 -5.75 24.31
C ILE A 127 10.46 -5.16 24.60
N ARG A 128 9.50 -5.44 23.73
CA ARG A 128 8.13 -5.03 23.97
C ARG A 128 7.62 -5.60 25.30
N LEU A 129 8.02 -6.83 25.58
CA LEU A 129 7.63 -7.46 26.85
C LEU A 129 8.28 -6.81 28.08
N THR A 130 9.60 -6.74 28.09
CA THR A 130 10.36 -6.44 29.30
C THR A 130 10.73 -4.98 29.54
N ARG A 131 10.52 -4.11 28.55
CA ARG A 131 11.01 -2.73 28.65
C ARG A 131 9.89 -1.70 28.78
N PRO A 132 10.20 -0.54 29.41
CA PRO A 132 9.26 0.57 29.57
C PRO A 132 8.85 1.18 28.23
N ASP A 133 7.78 1.97 28.24
CA ASP A 133 7.19 2.52 27.03
C ASP A 133 8.16 3.32 26.16
N LYS A 134 8.80 4.32 26.77
CA LYS A 134 9.68 5.23 26.04
C LYS A 134 10.80 4.50 25.32
N GLU A 135 11.46 3.59 26.04
CA GLU A 135 12.55 2.81 25.49
C GLU A 135 12.08 2.03 24.27
N VAL A 136 11.01 1.24 24.47
CA VAL A 136 10.42 0.43 23.42
C VAL A 136 10.11 1.26 22.18
N TYR A 137 9.40 2.37 22.35
CA TYR A 137 9.10 3.27 21.24
C TYR A 137 10.37 3.70 20.52
N THR A 138 11.30 4.29 21.27
CA THR A 138 12.52 4.86 20.71
C THR A 138 13.33 3.85 19.89
N LEU A 139 13.51 2.64 20.42
CA LEU A 139 14.33 1.65 19.71
C LEU A 139 13.59 0.92 18.60
N LEU A 140 12.29 0.68 18.77
CA LEU A 140 11.52 -0.05 17.77
C LEU A 140 11.13 0.79 16.54
N GLU A 141 10.81 2.06 16.77
CA GLU A 141 10.32 2.92 15.69
C GLU A 141 11.21 3.04 14.44
N PRO A 142 12.55 3.13 14.60
CA PRO A 142 13.36 3.22 13.38
C PRO A 142 13.31 1.96 12.52
N PHE A 143 12.82 0.86 13.09
CA PHE A 143 12.77 -0.41 12.37
C PHE A 143 11.47 -0.53 11.57
N LEU A 144 10.67 0.54 11.59
CA LEU A 144 9.51 0.64 10.71
C LEU A 144 9.99 0.81 9.26
N GLU A 145 11.24 1.24 9.11
CA GLU A 145 11.86 1.33 7.80
C GLU A 145 12.11 -0.06 7.23
N ASP A 146 12.33 -1.03 8.11
CA ASP A 146 12.61 -2.40 7.66
C ASP A 146 11.37 -3.02 7.02
N ARG A 147 11.51 -3.40 5.76
CA ARG A 147 10.41 -3.96 4.99
C ARG A 147 10.51 -5.47 4.76
N ARG A 148 11.50 -6.10 5.38
CA ARG A 148 11.79 -7.50 5.11
C ARG A 148 10.60 -8.43 5.39
N LYS A 149 10.36 -9.33 4.45
CA LYS A 149 9.18 -10.20 4.47
C LYS A 149 9.30 -11.35 5.47
N LEU A 150 8.24 -11.54 6.24
CA LEU A 150 8.15 -12.65 7.19
C LEU A 150 6.89 -13.48 6.90
N ARG A 151 6.93 -14.77 7.22
CA ARG A 151 5.72 -15.57 7.16
C ARG A 151 5.19 -15.78 8.57
N ARG A 152 3.92 -15.45 8.78
CA ARG A 152 3.33 -15.57 10.11
C ARG A 152 2.20 -16.60 10.14
N LYS A 153 2.31 -17.55 11.05
CA LYS A 153 1.27 -18.56 11.23
C LYS A 153 0.30 -18.13 12.32
N GLY A 154 -0.93 -17.82 11.91
CA GLY A 154 -1.97 -17.46 12.87
C GLY A 154 -2.69 -18.70 13.34
N LYS A 155 -3.91 -18.52 13.84
CA LYS A 155 -4.74 -19.65 14.22
C LYS A 155 -5.13 -20.43 12.98
N ASN A 156 -5.38 -19.73 11.88
CA ASN A 156 -5.69 -20.39 10.62
C ASN A 156 -4.75 -19.93 9.50
N GLY A 157 -4.09 -20.90 8.86
CA GLY A 157 -3.28 -20.61 7.69
C GLY A 157 -2.01 -19.83 8.00
N THR A 158 -1.16 -19.65 7.01
CA THR A 158 0.03 -18.83 7.18
C THR A 158 -0.04 -17.61 6.26
N SER A 159 -0.38 -16.47 6.83
CA SER A 159 -0.43 -15.21 6.08
C SER A 159 0.94 -14.55 6.01
N LEU A 160 1.27 -13.97 4.86
CA LEU A 160 2.52 -13.25 4.71
C LEU A 160 2.41 -11.89 5.40
N THR A 161 3.50 -11.46 6.01
CA THR A 161 3.56 -10.19 6.70
C THR A 161 4.94 -9.58 6.52
N TYR A 162 5.18 -8.47 7.22
CA TYR A 162 6.44 -7.75 7.07
C TYR A 162 6.95 -7.24 8.42
N MET A 163 8.24 -6.95 8.50
CA MET A 163 8.85 -6.52 9.75
C MET A 163 8.20 -5.25 10.29
N ASP A 164 8.04 -4.25 9.43
CA ASP A 164 7.42 -2.98 9.81
C ASP A 164 5.99 -3.17 10.31
N GLU A 165 5.24 -4.04 9.63
CA GLU A 165 3.88 -4.35 10.04
C GLU A 165 3.88 -5.00 11.41
N PHE A 166 4.88 -5.84 11.65
CA PHE A 166 5.02 -6.53 12.94
C PHE A 166 5.30 -5.54 14.07
N ILE A 167 6.22 -4.61 13.82
CA ILE A 167 6.53 -3.56 14.78
C ILE A 167 5.30 -2.71 15.09
N ASP A 168 4.65 -2.24 14.04
CA ASP A 168 3.44 -1.44 14.17
C ASP A 168 2.37 -2.20 14.96
N ASP A 169 2.29 -3.50 14.74
CA ASP A 169 1.40 -4.36 15.50
C ASP A 169 1.79 -4.34 16.99
N LEU A 170 3.07 -4.49 17.26
CA LEU A 170 3.56 -4.44 18.64
C LEU A 170 3.13 -3.14 19.31
N LEU A 171 3.24 -2.03 18.59
CA LEU A 171 2.91 -0.74 19.18
C LEU A 171 1.42 -0.51 19.37
N THR A 172 0.62 -0.90 18.38
CA THR A 172 -0.80 -0.57 18.37
C THR A 172 -1.78 -1.69 18.76
N LYS A 173 -1.28 -2.88 19.10
CA LYS A 173 -2.17 -3.99 19.39
C LYS A 173 -2.08 -4.49 20.82
N ASP A 174 -3.24 -4.80 21.40
CA ASP A 174 -3.35 -5.26 22.78
C ASP A 174 -2.84 -6.69 22.95
N ARG A 175 -2.97 -7.50 21.91
CA ARG A 175 -2.55 -8.89 21.97
C ARG A 175 -1.75 -9.28 20.73
N VAL A 176 -0.56 -9.82 20.94
CA VAL A 176 0.32 -10.23 19.86
C VAL A 176 1.01 -11.55 20.21
N CYS A 177 1.02 -12.47 19.24
CA CYS A 177 1.66 -13.78 19.41
C CYS A 177 1.07 -14.53 20.59
N SER A 178 -0.26 -14.51 20.70
CA SER A 178 -0.99 -15.24 21.73
C SER A 178 -0.58 -14.81 23.13
N THR A 179 -0.05 -13.61 23.24
CA THR A 179 0.36 -13.06 24.53
C THR A 179 -0.26 -11.69 24.68
N SER A 180 -0.96 -11.47 25.80
CA SER A 180 -1.54 -10.17 26.06
C SER A 180 -0.44 -9.16 26.29
N LEU A 181 -0.63 -7.96 25.78
CA LEU A 181 0.36 -6.91 25.90
C LEU A 181 -0.07 -5.92 26.96
N TRP A 182 0.83 -5.62 27.89
CA TRP A 182 0.54 -4.68 28.97
C TRP A 182 0.18 -3.31 28.39
N LYS A 183 -0.84 -2.68 28.96
CA LYS A 183 -1.33 -1.40 28.46
C LYS A 183 -0.18 -0.39 28.47
N MET A 184 0.08 0.20 27.31
CA MET A 184 1.22 1.07 27.12
C MET A 184 0.77 2.52 27.14
N ARG A 185 1.55 3.39 27.76
CA ARG A 185 1.24 4.81 27.73
C ARG A 185 1.24 5.31 26.28
N ARG A 186 0.13 5.92 25.88
CA ARG A 186 -0.05 6.36 24.51
C ARG A 186 0.98 7.42 24.13
N ARG A 187 1.48 7.35 22.89
CA ARG A 187 2.59 8.20 22.47
C ARG A 187 2.27 9.69 22.48
N ASP A 188 1.08 10.05 21.99
CA ASP A 188 0.68 11.46 21.93
C ASP A 188 0.61 12.08 23.33
N ILE A 189 0.35 11.25 24.33
CA ILE A 189 0.38 11.70 25.71
C ILE A 189 1.79 12.10 26.10
N LEU A 190 2.76 11.31 25.67
CA LEU A 190 4.17 11.63 25.87
C LEU A 190 4.55 12.88 25.07
N GLU A 191 3.87 13.08 23.95
CA GLU A 191 4.07 14.25 23.10
C GLU A 191 3.66 15.52 23.81
N ASP A 192 2.45 15.51 24.37
CA ASP A 192 1.93 16.68 25.08
C ASP A 192 2.74 16.97 26.34
N LEU A 193 3.26 15.93 26.96
CA LEU A 193 4.13 16.10 28.12
C LEU A 193 5.56 16.43 27.71
N ASP A 194 5.82 16.33 26.40
CA ASP A 194 7.09 16.74 25.80
C ASP A 194 8.30 15.96 26.32
N LEU A 195 8.09 14.70 26.71
CA LEU A 195 9.22 13.84 27.07
C LEU A 195 9.92 13.37 25.80
N LEU A 196 9.14 13.22 24.73
CA LEU A 196 9.66 12.71 23.47
C LEU A 196 9.20 13.56 22.28
N GLU A 197 9.98 13.53 21.21
CA GLU A 197 9.64 14.25 19.98
C GLU A 197 8.82 13.34 19.06
N PRO A 198 7.78 13.91 18.41
CA PRO A 198 6.87 13.15 17.53
C PRO A 198 7.60 12.32 16.48
N ARG A 199 7.07 11.14 16.17
CA ARG A 199 7.74 10.21 15.28
C ARG A 199 7.94 10.80 13.89
N VAL A 200 9.15 10.62 13.35
CA VAL A 200 9.48 11.09 12.01
C VAL A 200 9.81 9.94 11.09
N SER A 201 8.98 9.75 10.07
CA SER A 201 9.19 8.69 9.08
C SER A 201 10.42 9.00 8.25
N PRO A 202 10.96 7.98 7.54
CA PRO A 202 12.04 8.26 6.59
C PRO A 202 11.60 9.29 5.56
N LEU A 203 10.35 9.18 5.13
CA LEU A 203 9.72 10.19 4.30
C LEU A 203 9.35 11.40 5.14
N GLY A 204 9.13 12.54 4.49
CA GLY A 204 8.75 13.76 5.19
C GLY A 204 7.29 13.77 5.61
N SER A 205 6.76 14.97 5.83
CA SER A 205 5.34 15.11 6.15
C SER A 205 4.49 14.76 4.93
N LEU A 206 3.22 14.43 5.17
CA LEU A 206 2.32 13.97 4.11
C LEU A 206 2.25 14.91 2.91
N GLU A 207 2.07 16.19 3.18
CA GLU A 207 1.86 17.18 2.13
C GLU A 207 3.08 17.31 1.20
N ASP A 208 4.27 17.33 1.77
CA ASP A 208 5.48 17.50 0.96
C ASP A 208 5.71 16.25 0.09
N ILE A 209 5.42 15.08 0.65
CA ILE A 209 5.47 13.84 -0.12
C ILE A 209 4.49 13.90 -1.28
N LEU A 210 3.28 14.38 -1.00
CA LEU A 210 2.25 14.51 -2.03
C LEU A 210 2.74 15.41 -3.17
N GLU A 211 3.25 16.58 -2.80
CA GLU A 211 3.70 17.56 -3.80
C GLU A 211 4.89 17.06 -4.62
N GLU A 212 5.86 16.45 -3.96
CA GLU A 212 7.05 15.98 -4.66
C GLU A 212 6.75 14.77 -5.54
N GLU A 213 5.80 13.93 -5.11
CA GLU A 213 5.40 12.79 -5.92
C GLU A 213 4.61 13.23 -7.14
N GLU A 214 3.71 14.19 -6.95
CA GLU A 214 2.97 14.77 -8.08
C GLU A 214 3.92 15.41 -9.09
N GLN A 215 4.84 16.22 -8.57
CA GLN A 215 5.80 16.92 -9.41
C GLN A 215 6.69 15.94 -10.17
N ALA A 216 7.18 14.92 -9.47
CA ALA A 216 8.03 13.91 -10.11
C ALA A 216 7.25 13.15 -11.18
N ALA A 217 6.00 12.83 -10.89
CA ALA A 217 5.15 12.11 -11.82
C ALA A 217 4.92 12.91 -13.09
N LYS A 218 4.54 14.17 -12.95
CA LYS A 218 4.30 15.01 -14.13
C LYS A 218 5.58 15.29 -14.91
N ASN A 219 6.70 15.42 -14.19
CA ASN A 219 7.99 15.65 -14.84
C ASN A 219 8.43 14.45 -15.67
N GLU A 220 8.38 13.27 -15.07
CA GLU A 220 8.75 12.05 -15.78
C GLU A 220 7.80 11.81 -16.96
N ASP A 221 6.52 12.02 -16.72
CA ASP A 221 5.51 11.84 -17.77
C ASP A 221 5.71 12.82 -18.92
N GLY A 222 6.29 13.98 -18.63
CA GLY A 222 6.53 14.99 -19.64
C GLY A 222 6.52 16.40 -19.08
N THR B 5 10.21 -16.24 0.41
CA THR B 5 10.72 -15.57 1.60
C THR B 5 12.07 -14.92 1.34
N THR B 6 12.34 -14.65 0.06
CA THR B 6 13.57 -13.97 -0.33
C THR B 6 13.37 -12.46 -0.15
N ASP B 7 14.21 -11.86 0.69
CA ASP B 7 14.06 -10.47 1.07
C ASP B 7 14.37 -9.43 -0.01
N ASP B 8 15.40 -9.66 -0.82
CA ASP B 8 15.86 -8.62 -1.74
C ASP B 8 15.33 -8.74 -3.18
N VAL B 9 14.50 -9.74 -3.43
CA VAL B 9 13.95 -9.93 -4.78
C VAL B 9 13.03 -8.77 -5.13
N ASP B 10 13.12 -8.30 -6.37
CA ASP B 10 12.29 -7.22 -6.90
C ASP B 10 12.28 -6.04 -5.93
N PRO B 11 13.37 -5.26 -5.90
CA PRO B 11 13.55 -4.13 -4.98
C PRO B 11 12.48 -3.05 -5.12
N GLU B 12 12.12 -2.74 -6.37
CA GLU B 12 11.21 -1.64 -6.67
C GLU B 12 9.79 -1.89 -6.16
N ALA B 13 9.26 -3.08 -6.44
CA ALA B 13 7.90 -3.43 -6.01
C ALA B 13 7.82 -3.49 -4.50
N GLU B 14 8.81 -4.09 -3.85
CA GLU B 14 8.84 -4.17 -2.40
C GLU B 14 8.92 -2.80 -1.76
N TYR B 15 9.75 -1.92 -2.34
CA TYR B 15 9.84 -0.56 -1.83
C TYR B 15 8.49 0.13 -2.00
N ALA B 16 7.82 -0.12 -3.12
CA ALA B 16 6.51 0.49 -3.37
C ALA B 16 5.47 0.04 -2.34
N ALA B 17 5.42 -1.27 -2.10
CA ALA B 17 4.49 -1.85 -1.15
C ALA B 17 4.75 -1.33 0.26
N TRP B 18 6.03 -1.26 0.61
CA TRP B 18 6.41 -0.73 1.92
C TRP B 18 5.97 0.72 2.02
N LYS B 19 6.19 1.48 0.95
CA LYS B 19 5.76 2.87 0.90
C LYS B 19 4.28 2.98 1.16
N LEU B 20 3.50 2.08 0.58
CA LEU B 20 2.05 2.05 0.82
C LEU B 20 1.75 1.78 2.29
N ARG B 21 2.49 0.84 2.89
CA ARG B 21 2.29 0.51 4.30
C ARG B 21 2.59 1.69 5.23
N GLU B 22 3.77 2.27 5.07
CA GLU B 22 4.22 3.41 5.87
C GLU B 22 3.28 4.58 5.68
N LEU B 23 2.84 4.81 4.44
CA LEU B 23 1.89 5.86 4.15
C LEU B 23 0.59 5.62 4.91
N ARG B 24 0.16 4.36 4.95
CA ARG B 24 -1.03 4.02 5.72
C ARG B 24 -0.85 4.35 7.19
N ARG B 25 0.31 4.00 7.73
CA ARG B 25 0.64 4.29 9.13
C ARG B 25 0.59 5.78 9.44
N LEU B 26 1.38 6.56 8.71
CA LEU B 26 1.44 8.01 8.94
C LEU B 26 0.08 8.66 8.69
N ARG B 27 -0.70 8.12 7.78
CA ARG B 27 -2.02 8.68 7.50
C ARG B 27 -3.01 8.42 8.65
N ARG B 28 -3.03 7.21 9.18
CA ARG B 28 -3.94 6.93 10.29
C ARG B 28 -3.49 7.70 11.54
N GLU B 29 -2.18 7.77 11.77
CA GLU B 29 -1.64 8.51 12.91
C GLU B 29 -1.93 10.02 12.80
N ARG B 30 -1.74 10.58 11.62
CA ARG B 30 -2.04 11.99 11.41
C ARG B 30 -3.53 12.25 11.56
N ASP B 31 -4.34 11.28 11.12
CA ASP B 31 -5.78 11.36 11.30
C ASP B 31 -6.09 11.41 12.78
N ALA B 32 -5.34 10.64 13.55
CA ALA B 32 -5.54 10.63 14.99
C ALA B 32 -5.21 12.00 15.57
N ILE B 33 -4.03 12.51 15.25
CA ILE B 33 -3.56 13.78 15.79
C ILE B 33 -4.53 14.92 15.47
N GLU B 34 -4.90 15.02 14.20
CA GLU B 34 -5.82 16.07 13.78
C GLU B 34 -7.19 15.90 14.44
N ALA B 35 -7.65 14.66 14.60
CA ALA B 35 -8.94 14.40 15.23
C ALA B 35 -8.99 14.84 16.70
N ARG B 36 -8.09 14.33 17.53
CA ARG B 36 -8.10 14.74 18.94
C ARG B 36 -7.80 16.24 19.05
N GLU B 37 -6.99 16.76 18.14
CA GLU B 37 -6.71 18.19 18.12
C GLU B 37 -7.99 18.98 17.91
N ARG B 38 -8.78 18.62 16.91
CA ARG B 38 -10.01 19.35 16.60
C ARG B 38 -11.07 19.15 17.68
N GLU B 39 -11.10 17.98 18.32
CA GLU B 39 -12.04 17.77 19.42
C GLU B 39 -11.66 18.67 20.60
N LEU B 40 -10.42 18.59 21.02
CA LEU B 40 -9.94 19.38 22.16
C LEU B 40 -10.07 20.87 21.86
N ALA B 41 -9.88 21.24 20.60
CA ALA B 41 -10.05 22.62 20.14
C ALA B 41 -11.50 23.08 20.25
N GLU B 42 -12.42 22.30 19.69
CA GLU B 42 -13.84 22.66 19.71
C GLU B 42 -14.31 22.80 21.15
N LEU B 43 -13.94 21.82 21.96
CA LEU B 43 -14.29 21.82 23.37
C LEU B 43 -13.65 22.99 24.12
N GLU B 44 -12.43 23.35 23.73
CA GLU B 44 -11.75 24.48 24.37
C GLU B 44 -12.42 25.81 24.06
N ARG B 45 -12.71 26.05 22.79
CA ARG B 45 -13.40 27.28 22.39
C ARG B 45 -14.72 27.29 23.12
N ARG B 46 -15.30 26.10 23.22
CA ARG B 46 -16.51 25.89 23.98
C ARG B 46 -16.38 26.36 25.43
N ARG B 47 -15.27 26.06 26.11
CA ARG B 47 -15.14 26.61 27.46
C ARG B 47 -14.96 28.12 27.41
N ASN B 48 -14.10 28.57 26.51
CA ASN B 48 -13.63 29.94 26.48
C ASN B 48 -14.69 31.00 26.19
N LEU B 49 -15.62 30.73 25.26
CA LEU B 49 -16.54 31.76 24.82
C LEU B 49 -17.31 32.43 25.97
N THR B 50 -18.01 31.65 26.78
CA THR B 50 -18.66 32.15 28.02
C THR B 50 -19.34 30.97 28.73
N GLU B 51 -19.59 31.13 30.03
CA GLU B 51 -20.26 30.11 30.84
C GLU B 51 -21.70 29.87 30.40
N GLU B 52 -22.39 30.96 30.07
CA GLU B 52 -23.78 30.92 29.63
C GLU B 52 -23.92 30.14 28.34
N GLU B 53 -23.01 30.39 27.40
CA GLU B 53 -23.02 29.68 26.13
C GLU B 53 -22.67 28.21 26.33
N ARG B 54 -21.77 27.91 27.27
CA ARG B 54 -21.45 26.52 27.61
C ARG B 54 -22.72 25.83 28.08
N ARG B 55 -23.46 26.55 28.90
CA ARG B 55 -24.75 26.07 29.39
C ARG B 55 -25.72 25.88 28.23
N ALA B 56 -25.71 26.79 27.27
CA ALA B 56 -26.58 26.69 26.10
C ALA B 56 -26.25 25.44 25.29
N GLU B 57 -24.97 25.13 25.15
CA GLU B 57 -24.56 23.92 24.45
C GLU B 57 -24.97 22.65 25.19
N ASP B 58 -24.70 22.59 26.49
CA ASP B 58 -25.06 21.40 27.26
C ASP B 58 -26.55 21.18 27.30
N GLU B 59 -27.29 22.26 27.51
CA GLU B 59 -28.73 22.22 27.55
C GLU B 59 -29.25 21.78 26.20
N ALA B 60 -28.61 22.26 25.15
CA ALA B 60 -28.97 21.84 23.81
C ALA B 60 -28.79 20.33 23.59
N HIS B 61 -27.63 19.78 23.94
CA HIS B 61 -27.44 18.34 23.72
C HIS B 61 -28.30 17.48 24.65
N LEU B 62 -28.55 17.93 25.89
CA LEU B 62 -29.50 17.22 26.75
C LEU B 62 -30.90 17.28 26.18
N ALA B 63 -31.29 18.42 25.62
CA ALA B 63 -32.59 18.56 25.00
C ALA B 63 -32.72 17.65 23.78
N LYS B 64 -31.63 17.51 23.04
CA LYS B 64 -31.63 16.68 21.84
C LYS B 64 -31.85 15.21 22.21
N GLN B 65 -31.15 14.72 23.23
CA GLN B 65 -31.49 13.42 23.79
C GLN B 65 -31.85 13.54 25.27
N LYS B 66 -33.15 13.38 25.55
CA LYS B 66 -33.85 13.50 26.84
C LYS B 66 -35.05 14.45 26.69
N THR C 9 29.85 -11.82 27.27
CA THR C 9 28.41 -11.73 27.06
C THR C 9 28.07 -11.59 25.58
N ALA C 10 27.82 -10.36 25.14
CA ALA C 10 27.47 -10.09 23.77
C ALA C 10 28.57 -10.47 22.79
N GLU C 11 29.82 -10.38 23.25
CA GLU C 11 30.98 -10.71 22.42
C GLU C 11 31.01 -12.19 22.04
N GLU C 12 30.62 -13.04 22.97
CA GLU C 12 30.52 -14.47 22.71
C GLU C 12 29.51 -14.69 21.61
N VAL C 13 28.38 -13.98 21.72
CA VAL C 13 27.34 -14.00 20.72
C VAL C 13 27.90 -13.54 19.37
N HIS C 14 28.77 -12.53 19.40
CA HIS C 14 29.43 -12.07 18.19
C HIS C 14 30.15 -13.24 17.53
N ALA C 15 31.02 -13.90 18.28
CA ALA C 15 31.81 -15.00 17.73
C ALA C 15 30.92 -16.09 17.15
N ARG C 16 29.85 -16.43 17.88
CA ARG C 16 28.91 -17.44 17.45
C ARG C 16 28.23 -17.07 16.13
N ILE C 17 27.71 -15.85 16.06
CA ILE C 17 27.03 -15.35 14.87
C ILE C 17 27.96 -15.28 13.66
N GLU C 18 29.22 -14.90 13.89
CA GLU C 18 30.20 -14.90 12.80
C GLU C 18 30.39 -16.32 12.28
N PHE C 19 30.59 -17.26 13.21
CA PHE C 19 30.73 -18.67 12.84
C PHE C 19 29.55 -19.11 11.98
N LEU C 20 28.34 -18.76 12.41
CA LEU C 20 27.12 -19.09 11.68
C LEU C 20 27.12 -18.50 10.27
N TRP C 21 27.50 -17.22 10.17
CA TRP C 21 27.51 -16.54 8.89
C TRP C 21 28.48 -17.20 7.91
N GLN C 22 29.70 -17.46 8.37
CA GLN C 22 30.69 -18.14 7.56
C GLN C 22 30.19 -19.51 7.13
N ARG C 23 29.48 -20.19 8.03
CA ARG C 23 28.88 -21.47 7.71
C ARG C 23 27.87 -21.33 6.57
N GLU C 24 27.06 -20.29 6.63
CA GLU C 24 26.07 -20.02 5.58
C GLU C 24 26.77 -19.73 4.24
N GLN C 25 27.86 -18.98 4.29
CA GLN C 25 28.64 -18.70 3.10
C GLN C 25 29.19 -19.98 2.52
N GLU C 26 29.57 -20.91 3.39
CA GLU C 26 30.04 -22.22 2.96
C GLU C 26 28.91 -23.02 2.31
N LYS C 27 27.70 -22.84 2.82
CA LYS C 27 26.53 -23.50 2.27
C LYS C 27 26.19 -22.99 0.87
N LYS C 28 26.28 -21.68 0.69
CA LYS C 28 25.99 -21.06 -0.60
C LYS C 28 26.96 -21.51 -1.69
N LYS C 29 28.18 -21.86 -1.28
CA LYS C 29 29.19 -22.35 -2.22
C LYS C 29 28.74 -23.62 -2.91
N GLY D 22 -7.61 23.18 -38.84
CA GLY D 22 -7.29 21.76 -38.68
C GLY D 22 -7.68 20.94 -39.90
N SER D 23 -8.17 19.73 -39.65
CA SER D 23 -8.59 18.85 -40.73
C SER D 23 -9.93 18.20 -40.42
N SER D 24 -10.68 17.85 -41.46
CA SER D 24 -12.00 17.24 -41.29
C SER D 24 -11.96 15.76 -41.60
N GLY D 25 -12.44 14.96 -40.66
CA GLY D 25 -12.56 13.53 -40.82
C GLY D 25 -13.66 13.01 -39.91
N PRO D 26 -14.03 11.74 -40.06
CA PRO D 26 -15.09 11.17 -39.20
C PRO D 26 -14.78 11.37 -37.72
N LEU D 27 -15.71 11.98 -37.01
CA LEU D 27 -15.47 12.38 -35.62
C LEU D 27 -15.61 11.24 -34.64
N ALA D 28 -14.81 11.29 -33.58
CA ALA D 28 -14.89 10.31 -32.50
C ALA D 28 -16.17 10.52 -31.71
N PRO D 29 -16.69 9.43 -31.10
CA PRO D 29 -17.89 9.50 -30.24
C PRO D 29 -17.75 10.53 -29.12
N ASN D 30 -16.51 10.83 -28.74
CA ASN D 30 -16.21 11.84 -27.75
C ASN D 30 -16.64 13.24 -28.21
N GLY D 31 -16.64 13.44 -29.52
CA GLY D 31 -17.01 14.72 -30.09
C GLY D 31 -15.79 15.54 -30.48
N LEU D 32 -14.63 14.92 -30.41
CA LEU D 32 -13.37 15.58 -30.75
C LEU D 32 -12.68 14.87 -31.92
N ASN D 33 -12.18 15.66 -32.86
CA ASN D 33 -11.49 15.12 -34.02
C ASN D 33 -10.15 14.49 -33.65
N PRO D 34 -9.84 13.31 -34.23
CA PRO D 34 -8.62 12.53 -33.98
C PRO D 34 -7.34 13.34 -34.05
N ALA D 35 -7.26 14.30 -34.97
CA ALA D 35 -6.07 15.11 -35.16
C ALA D 35 -5.86 16.07 -33.99
N THR D 36 -6.94 16.75 -33.60
CA THR D 36 -6.87 17.81 -32.59
C THR D 36 -6.45 17.32 -31.22
N ILE D 37 -6.93 16.15 -30.82
CA ILE D 37 -6.62 15.60 -29.50
C ILE D 37 -5.15 15.25 -29.36
N MET D 38 -4.49 14.98 -30.48
CA MET D 38 -3.04 14.80 -30.51
C MET D 38 -2.34 16.15 -30.63
N GLU D 39 -1.24 16.32 -29.91
CA GLU D 39 -0.46 17.55 -29.98
C GLU D 39 0.44 17.52 -31.20
N LYS D 40 0.65 18.68 -31.81
CA LYS D 40 1.42 18.79 -33.05
C LYS D 40 2.84 18.25 -32.91
N ALA D 41 3.53 18.69 -31.87
CA ALA D 41 4.92 18.32 -31.65
C ALA D 41 5.12 16.81 -31.54
N VAL D 42 4.36 16.18 -30.65
CA VAL D 42 4.52 14.76 -30.39
C VAL D 42 4.13 13.88 -31.58
N ARG D 43 3.05 14.26 -32.27
CA ARG D 43 2.59 13.47 -33.41
C ARG D 43 3.59 13.62 -34.55
N GLU D 44 4.16 14.82 -34.71
CA GLU D 44 5.17 15.03 -35.72
C GLU D 44 6.43 14.22 -35.38
N ARG D 45 6.73 14.13 -34.09
CA ARG D 45 7.85 13.31 -33.63
C ARG D 45 7.61 11.84 -33.96
N ILE D 46 6.35 11.42 -33.84
CA ILE D 46 5.98 10.06 -34.23
C ILE D 46 6.17 9.83 -35.71
N VAL D 47 5.67 10.76 -36.52
CA VAL D 47 5.75 10.65 -37.98
C VAL D 47 7.19 10.64 -38.49
N GLU D 48 8.06 11.40 -37.84
CA GLU D 48 9.46 11.49 -38.29
C GLU D 48 10.26 10.22 -37.97
N SER D 49 9.86 9.51 -36.93
CA SER D 49 10.59 8.33 -36.47
C SER D 49 10.62 7.22 -37.52
N TYR D 50 11.79 6.61 -37.70
CA TYR D 50 12.00 5.51 -38.64
C TYR D 50 11.15 4.30 -38.28
N PHE D 51 11.13 3.96 -37.01
CA PHE D 51 10.36 2.82 -36.49
C PHE D 51 8.90 2.89 -36.92
N TRP D 52 8.31 4.08 -36.78
CA TRP D 52 6.92 4.29 -37.17
C TRP D 52 6.74 4.08 -38.67
N LYS D 53 7.67 4.60 -39.47
CA LYS D 53 7.54 4.52 -40.92
C LYS D 53 7.68 3.09 -41.41
N GLU D 54 8.50 2.30 -40.73
CA GLU D 54 8.72 0.92 -41.14
C GLU D 54 7.62 -0.02 -40.63
N GLN D 55 7.20 0.16 -39.39
CA GLN D 55 6.27 -0.78 -38.75
C GLN D 55 4.79 -0.45 -38.97
N CYS D 56 4.49 0.78 -39.34
CA CYS D 56 3.10 1.22 -39.48
C CYS D 56 2.61 1.19 -40.93
N PHE D 57 3.40 0.59 -41.81
CA PHE D 57 3.04 0.53 -43.23
C PHE D 57 2.27 -0.73 -43.58
N GLY D 58 1.05 -0.54 -44.09
CA GLY D 58 0.18 -1.63 -44.49
C GLY D 58 -0.14 -2.58 -43.36
N VAL D 59 -0.67 -2.03 -42.27
CA VAL D 59 -0.88 -2.81 -41.06
C VAL D 59 -2.36 -2.97 -40.69
N ASN D 60 -2.84 -4.20 -40.75
CA ASN D 60 -4.19 -4.54 -40.31
C ASN D 60 -4.26 -4.56 -38.79
N GLU D 61 -5.48 -4.48 -38.24
CA GLU D 61 -5.68 -4.46 -36.80
C GLU D 61 -4.98 -5.64 -36.13
N ALA D 62 -5.19 -6.83 -36.71
CA ALA D 62 -4.53 -8.04 -36.24
C ALA D 62 -3.02 -7.92 -36.38
N ASP D 63 -2.57 -7.33 -37.49
CA ASP D 63 -1.16 -7.09 -37.72
C ASP D 63 -0.64 -6.12 -36.66
N ILE D 64 -1.48 -5.15 -36.27
CA ILE D 64 -1.12 -4.23 -35.20
C ILE D 64 -0.95 -4.99 -33.89
N VAL D 65 -1.81 -5.97 -33.66
CA VAL D 65 -1.67 -6.86 -32.51
C VAL D 65 -0.32 -7.56 -32.53
N ASP D 66 0.06 -8.05 -33.72
CA ASP D 66 1.36 -8.69 -33.90
C ASP D 66 2.50 -7.75 -33.53
N ARG D 67 2.49 -6.54 -34.11
CA ARG D 67 3.52 -5.54 -33.83
C ARG D 67 3.59 -5.23 -32.34
N VAL D 68 2.42 -5.21 -31.69
CA VAL D 68 2.35 -5.02 -30.25
C VAL D 68 3.09 -6.14 -29.53
N VAL D 69 2.60 -7.36 -29.67
CA VAL D 69 3.15 -8.48 -28.90
C VAL D 69 4.63 -8.71 -29.20
N GLU D 70 5.08 -8.29 -30.37
CA GLU D 70 6.50 -8.43 -30.69
C GLU D 70 7.35 -7.32 -30.08
N HIS D 71 6.95 -6.07 -30.32
CA HIS D 71 7.83 -4.93 -30.03
C HIS D 71 7.55 -4.04 -28.81
N VAL D 72 6.52 -4.32 -28.01
CA VAL D 72 6.30 -3.45 -26.85
C VAL D 72 6.76 -4.08 -25.52
N ARG D 73 7.79 -3.49 -24.96
CA ARG D 73 8.31 -3.91 -23.67
C ARG D 73 7.97 -2.93 -22.54
N PHE D 74 7.33 -1.82 -22.88
CA PHE D 74 7.03 -0.77 -21.90
C PHE D 74 5.87 0.09 -22.38
N VAL D 75 5.49 1.10 -21.59
CA VAL D 75 4.33 1.90 -21.94
C VAL D 75 4.51 3.42 -22.00
N GLY D 76 4.08 4.01 -23.11
CA GLY D 76 3.81 5.43 -23.20
C GLY D 76 4.91 6.47 -23.29
N GLY D 77 4.51 7.65 -23.75
CA GLY D 77 5.32 8.85 -23.69
C GLY D 77 6.51 8.93 -24.62
N VAL D 78 7.60 9.47 -24.09
CA VAL D 78 8.83 9.71 -24.83
C VAL D 78 9.99 9.36 -23.91
N THR D 79 11.12 8.97 -24.48
CA THR D 79 12.27 8.56 -23.68
C THR D 79 13.56 9.23 -24.13
N GLY D 80 14.33 9.69 -23.15
CA GLY D 80 15.66 10.22 -23.40
C GLY D 80 15.67 11.63 -23.95
N VAL D 81 16.87 12.17 -24.16
CA VAL D 81 17.05 13.47 -24.77
C VAL D 81 16.65 13.44 -26.25
N THR D 82 16.71 12.26 -26.85
CA THR D 82 16.33 12.06 -28.25
C THR D 82 14.86 12.39 -28.49
N GLN D 83 14.07 12.33 -27.41
CA GLN D 83 12.63 12.59 -27.46
C GLN D 83 11.91 11.63 -28.39
N LYS D 84 12.46 10.43 -28.54
CA LYS D 84 11.84 9.40 -29.36
C LYS D 84 10.53 8.92 -28.74
N PRO D 85 9.47 8.85 -29.56
CA PRO D 85 8.17 8.35 -29.09
C PRO D 85 8.19 6.83 -28.91
N SER D 86 7.49 6.35 -27.88
CA SER D 86 7.41 4.93 -27.62
C SER D 86 6.53 4.23 -28.67
N PRO D 87 6.87 2.97 -29.00
CA PRO D 87 6.06 2.15 -29.92
C PRO D 87 4.62 2.10 -29.47
N PHE D 88 4.43 2.09 -28.15
CA PHE D 88 3.12 2.14 -27.54
C PHE D 88 2.32 3.33 -28.07
N LEU D 89 2.98 4.48 -28.07
CA LEU D 89 2.37 5.74 -28.51
C LEU D 89 2.13 5.77 -30.01
N CYS D 90 3.07 5.21 -30.78
CA CYS D 90 2.93 5.18 -32.24
C CYS D 90 1.72 4.35 -32.64
N LEU D 91 1.65 3.14 -32.08
CA LEU D 91 0.53 2.25 -32.35
C LEU D 91 -0.78 2.84 -31.81
N ALA D 92 -0.67 3.59 -30.72
CA ALA D 92 -1.82 4.31 -30.18
C ALA D 92 -2.33 5.33 -31.20
N PHE D 93 -1.40 6.00 -31.86
CA PHE D 93 -1.75 6.99 -32.88
C PHE D 93 -2.38 6.32 -34.09
N LYS D 94 -1.83 5.17 -34.48
CA LYS D 94 -2.37 4.40 -35.59
C LYS D 94 -3.80 3.97 -35.31
N LEU D 95 -4.03 3.48 -34.09
CA LEU D 95 -5.36 3.10 -33.64
C LEU D 95 -6.29 4.31 -33.64
N LEU D 96 -5.73 5.47 -33.30
CA LEU D 96 -6.51 6.71 -33.27
C LEU D 96 -6.97 7.06 -34.68
N GLN D 97 -6.06 6.95 -35.64
CA GLN D 97 -6.37 7.20 -37.04
C GLN D 97 -7.41 6.23 -37.57
N LEU D 98 -7.31 4.97 -37.18
CA LEU D 98 -8.20 3.93 -37.70
C LEU D 98 -9.65 4.11 -37.22
N ALA D 99 -9.82 4.48 -35.96
CA ALA D 99 -11.16 4.69 -35.38
C ALA D 99 -12.10 3.49 -35.55
N PRO D 100 -11.68 2.31 -35.06
CA PRO D 100 -12.41 1.06 -35.31
C PRO D 100 -13.82 0.94 -34.73
N GLY D 101 -14.08 1.47 -33.54
CA GLY D 101 -15.38 1.29 -32.90
C GLY D 101 -15.38 0.39 -31.67
N ASP D 102 -16.43 0.51 -30.86
CA ASP D 102 -16.45 -0.01 -29.49
C ASP D 102 -16.38 -1.53 -29.29
N ASP D 103 -17.23 -2.28 -29.99
CA ASP D 103 -17.33 -3.72 -29.79
C ASP D 103 -15.98 -4.44 -29.96
N ILE D 104 -15.28 -4.11 -31.03
CA ILE D 104 -13.99 -4.72 -31.31
C ILE D 104 -12.93 -4.24 -30.33
N LEU D 105 -13.09 -3.04 -29.79
CA LEU D 105 -12.17 -2.56 -28.76
C LEU D 105 -12.35 -3.40 -27.51
N LYS D 106 -13.61 -3.74 -27.24
CA LYS D 106 -13.95 -4.61 -26.12
C LYS D 106 -13.30 -5.98 -26.31
N GLU D 107 -13.51 -6.57 -27.48
CA GLU D 107 -12.91 -7.87 -27.78
C GLU D 107 -11.38 -7.83 -27.65
N TYR D 108 -10.79 -6.74 -28.12
CA TYR D 108 -9.33 -6.56 -28.06
C TYR D 108 -8.82 -6.54 -26.63
N LEU D 109 -9.37 -5.65 -25.82
CA LEU D 109 -8.90 -5.51 -24.45
C LEU D 109 -9.20 -6.76 -23.61
N TYR D 110 -10.36 -7.37 -23.82
CA TYR D 110 -10.70 -8.58 -23.09
C TYR D 110 -9.77 -9.74 -23.44
N PHE D 111 -9.75 -10.12 -24.72
CA PHE D 111 -8.97 -11.26 -25.17
C PHE D 111 -7.47 -11.03 -24.96
N GLY D 112 -6.98 -9.97 -25.58
CA GLY D 112 -5.58 -9.60 -25.48
C GLY D 112 -5.19 -9.45 -24.03
N GLY D 113 -6.09 -8.87 -23.24
CA GLY D 113 -5.86 -8.68 -21.82
C GLY D 113 -5.67 -9.97 -21.05
N GLU D 114 -6.51 -10.96 -21.33
CA GLU D 114 -6.32 -12.26 -20.72
C GLU D 114 -4.98 -12.85 -21.17
N LYS D 115 -4.60 -12.57 -22.41
CA LYS D 115 -3.31 -13.02 -22.92
C LYS D 115 -2.12 -12.11 -22.57
N PHE D 116 -2.30 -10.79 -22.71
CA PHE D 116 -1.19 -9.85 -22.45
C PHE D 116 -1.68 -8.50 -21.92
N LYS D 117 -0.85 -7.87 -21.09
CA LYS D 117 -1.22 -6.65 -20.37
C LYS D 117 -1.08 -5.36 -21.18
N TYR D 118 0.00 -5.26 -21.97
CA TYR D 118 0.29 -4.03 -22.70
C TYR D 118 -0.76 -3.72 -23.76
N LEU D 119 -1.37 -4.75 -24.32
CA LEU D 119 -2.47 -4.58 -25.26
C LEU D 119 -3.64 -3.91 -24.53
N ARG D 120 -3.89 -4.36 -23.30
CA ARG D 120 -4.91 -3.74 -22.45
C ARG D 120 -4.57 -2.29 -22.17
N ALA D 121 -3.29 -2.01 -21.90
CA ALA D 121 -2.85 -0.63 -21.67
C ALA D 121 -3.17 0.22 -22.90
N LEU D 122 -2.90 -0.33 -24.07
CA LEU D 122 -3.13 0.36 -25.34
C LEU D 122 -4.61 0.67 -25.54
N ALA D 123 -5.45 -0.37 -25.43
CA ALA D 123 -6.89 -0.21 -25.61
C ALA D 123 -7.47 0.77 -24.58
N ALA D 124 -6.95 0.70 -23.35
CA ALA D 124 -7.42 1.57 -22.28
C ALA D 124 -7.10 3.03 -22.57
N PHE D 125 -5.84 3.29 -22.91
CA PHE D 125 -5.41 4.63 -23.31
C PHE D 125 -6.29 5.14 -24.45
N TYR D 126 -6.46 4.29 -25.47
CA TYR D 126 -7.24 4.64 -26.64
C TYR D 126 -8.68 5.04 -26.29
N ILE D 127 -9.33 4.21 -25.49
CA ILE D 127 -10.71 4.47 -25.08
C ILE D 127 -10.79 5.75 -24.25
N ARG D 128 -9.78 5.96 -23.41
CA ARG D 128 -9.67 7.18 -22.63
C ARG D 128 -9.63 8.39 -23.57
N LEU D 129 -8.97 8.23 -24.70
CA LEU D 129 -8.90 9.30 -25.72
C LEU D 129 -10.22 9.53 -26.46
N THR D 130 -10.75 8.46 -27.06
CA THR D 130 -11.82 8.59 -28.06
C THR D 130 -13.26 8.46 -27.56
N ARG D 131 -13.46 8.08 -26.31
CA ARG D 131 -14.80 7.76 -25.82
C ARG D 131 -15.32 8.76 -24.79
N PRO D 132 -16.65 8.90 -24.71
CA PRO D 132 -17.30 9.78 -23.73
C PRO D 132 -17.08 9.32 -22.29
N ASP D 133 -17.34 10.22 -21.34
CA ASP D 133 -17.04 10.00 -19.93
C ASP D 133 -17.66 8.72 -19.37
N LYS D 134 -18.98 8.57 -19.53
CA LYS D 134 -19.72 7.45 -18.97
C LYS D 134 -19.17 6.12 -19.46
N GLU D 135 -18.97 6.01 -20.77
CA GLU D 135 -18.45 4.80 -21.38
C GLU D 135 -17.09 4.44 -20.79
N VAL D 136 -16.18 5.42 -20.85
CA VAL D 136 -14.83 5.26 -20.33
C VAL D 136 -14.82 4.77 -18.89
N TYR D 137 -15.56 5.46 -18.02
CA TYR D 137 -15.69 5.06 -16.64
C TYR D 137 -16.17 3.62 -16.51
N THR D 138 -17.32 3.34 -17.11
CA THR D 138 -17.97 2.03 -16.98
C THR D 138 -17.07 0.87 -17.42
N LEU D 139 -16.40 1.01 -18.56
CA LEU D 139 -15.60 -0.10 -19.06
C LEU D 139 -14.21 -0.19 -18.40
N LEU D 140 -13.63 0.96 -18.06
CA LEU D 140 -12.28 0.97 -17.47
C LEU D 140 -12.26 0.57 -16.00
N GLU D 141 -13.29 0.98 -15.25
CA GLU D 141 -13.33 0.76 -13.80
C GLU D 141 -13.13 -0.70 -13.34
N PRO D 142 -13.72 -1.69 -14.04
CA PRO D 142 -13.49 -3.07 -13.57
C PRO D 142 -12.03 -3.53 -13.66
N PHE D 143 -11.22 -2.81 -14.43
CA PHE D 143 -9.82 -3.19 -14.60
C PHE D 143 -8.93 -2.59 -13.51
N LEU D 144 -9.55 -1.93 -12.55
CA LEU D 144 -8.85 -1.48 -11.35
C LEU D 144 -8.48 -2.69 -10.51
N GLU D 145 -9.19 -3.80 -10.75
CA GLU D 145 -8.88 -5.07 -10.10
C GLU D 145 -7.57 -5.64 -10.64
N ASP D 146 -7.25 -5.34 -11.90
CA ASP D 146 -6.04 -5.86 -12.51
C ASP D 146 -4.80 -5.26 -11.87
N ARG D 147 -3.97 -6.12 -11.29
CA ARG D 147 -2.77 -5.69 -10.58
C ARG D 147 -1.45 -5.97 -11.32
N ARG D 148 -1.54 -6.46 -12.56
CA ARG D 148 -0.34 -6.90 -13.29
C ARG D 148 0.69 -5.79 -13.45
N LYS D 149 1.95 -6.15 -13.21
CA LYS D 149 3.04 -5.17 -13.18
C LYS D 149 3.49 -4.76 -14.58
N LEU D 150 3.64 -3.45 -14.77
CA LEU D 150 4.16 -2.89 -16.02
C LEU D 150 5.40 -2.06 -15.74
N ARG D 151 6.31 -1.98 -16.71
CA ARG D 151 7.43 -1.06 -16.59
C ARG D 151 7.18 0.17 -17.47
N ARG D 152 7.26 1.34 -16.86
CA ARG D 152 6.99 2.58 -17.58
C ARG D 152 8.23 3.47 -17.65
N LYS D 153 8.61 3.84 -18.86
CA LYS D 153 9.73 4.75 -19.05
C LYS D 153 9.24 6.19 -19.15
N GLY D 154 9.56 6.99 -18.13
CA GLY D 154 9.22 8.40 -18.14
C GLY D 154 10.31 9.20 -18.83
N LYS D 155 10.38 10.49 -18.54
CA LYS D 155 11.45 11.32 -19.08
C LYS D 155 12.77 10.90 -18.46
N ASN D 156 12.74 10.52 -17.19
CA ASN D 156 13.94 10.05 -16.51
C ASN D 156 13.73 8.67 -15.87
N GLY D 157 14.58 7.72 -16.21
CA GLY D 157 14.57 6.40 -15.59
C GLY D 157 13.36 5.58 -15.98
N THR D 158 13.34 4.32 -15.57
CA THR D 158 12.17 3.47 -15.79
C THR D 158 11.56 3.09 -14.46
N SER D 159 10.47 3.74 -14.09
CA SER D 159 9.75 3.43 -12.87
C SER D 159 8.76 2.29 -13.07
N LEU D 160 8.67 1.39 -12.10
CA LEU D 160 7.68 0.32 -12.16
C LEU D 160 6.31 0.86 -11.81
N THR D 161 5.29 0.35 -12.48
CA THR D 161 3.92 0.75 -12.23
C THR D 161 3.00 -0.46 -12.39
N TYR D 162 1.69 -0.21 -12.32
CA TYR D 162 0.73 -1.31 -12.36
C TYR D 162 -0.49 -0.92 -13.19
N MET D 163 -1.23 -1.93 -13.66
CA MET D 163 -2.39 -1.71 -14.51
C MET D 163 -3.44 -0.83 -13.83
N ASP D 164 -3.78 -1.18 -12.59
CA ASP D 164 -4.77 -0.43 -11.82
C ASP D 164 -4.34 1.02 -11.64
N GLU D 165 -3.07 1.21 -11.32
CA GLU D 165 -2.51 2.54 -11.15
C GLU D 165 -2.61 3.32 -12.46
N PHE D 166 -2.39 2.62 -13.57
CA PHE D 166 -2.46 3.23 -14.90
C PHE D 166 -3.89 3.70 -15.20
N ILE D 167 -4.86 2.84 -14.90
CA ILE D 167 -6.27 3.18 -15.07
C ILE D 167 -6.64 4.41 -14.23
N ASP D 168 -6.30 4.35 -12.94
CA ASP D 168 -6.55 5.45 -12.02
C ASP D 168 -5.94 6.74 -12.54
N ASP D 169 -4.76 6.61 -13.15
CA ASP D 169 -4.11 7.75 -13.80
C ASP D 169 -4.98 8.26 -14.95
N LEU D 170 -5.48 7.35 -15.78
CA LEU D 170 -6.34 7.72 -16.89
C LEU D 170 -7.53 8.54 -16.44
N LEU D 171 -8.18 8.12 -15.35
CA LEU D 171 -9.34 8.86 -14.88
C LEU D 171 -8.97 10.17 -14.18
N THR D 172 -7.92 10.15 -13.37
CA THR D 172 -7.60 11.29 -12.50
C THR D 172 -6.48 12.23 -12.95
N LYS D 173 -5.87 11.98 -14.11
CA LYS D 173 -4.74 12.81 -14.54
C LYS D 173 -5.01 13.56 -15.84
N ASP D 174 -4.59 14.83 -15.87
CA ASP D 174 -4.81 15.69 -17.02
C ASP D 174 -3.93 15.34 -18.21
N ARG D 175 -2.72 14.85 -17.94
CA ARG D 175 -1.79 14.49 -19.01
C ARG D 175 -1.14 13.13 -18.74
N VAL D 176 -1.24 12.24 -19.71
CA VAL D 176 -0.70 10.89 -19.60
C VAL D 176 -0.05 10.44 -20.91
N CYS D 177 1.13 9.83 -20.80
CA CYS D 177 1.85 9.28 -21.95
C CYS D 177 2.18 10.35 -23.00
N SER D 178 2.66 11.50 -22.52
CA SER D 178 3.05 12.62 -23.38
C SER D 178 1.88 13.14 -24.20
N THR D 179 0.67 12.85 -23.73
CA THR D 179 -0.54 13.31 -24.41
C THR D 179 -1.48 13.97 -23.40
N SER D 180 -1.92 15.19 -23.71
CA SER D 180 -2.89 15.86 -22.87
C SER D 180 -4.23 15.14 -22.98
N LEU D 181 -4.95 15.05 -21.88
CA LEU D 181 -6.25 14.39 -21.88
C LEU D 181 -7.36 15.42 -21.86
N TRP D 182 -8.33 15.25 -22.75
CA TRP D 182 -9.46 16.16 -22.82
C TRP D 182 -10.17 16.16 -21.47
N LYS D 183 -10.53 17.35 -20.99
CA LYS D 183 -11.14 17.48 -19.68
C LYS D 183 -12.42 16.65 -19.60
N MET D 184 -12.47 15.76 -18.61
CA MET D 184 -13.56 14.81 -18.49
C MET D 184 -14.50 15.24 -17.38
N ARG D 185 -15.80 15.03 -17.59
CA ARG D 185 -16.78 15.29 -16.56
C ARG D 185 -16.45 14.47 -15.32
N ARG D 186 -16.33 15.15 -14.19
CA ARG D 186 -15.95 14.49 -12.94
C ARG D 186 -17.04 13.48 -12.58
N ARG D 187 -16.63 12.32 -12.09
CA ARG D 187 -17.56 11.22 -11.90
C ARG D 187 -18.63 11.54 -10.85
N ASP D 188 -18.20 12.15 -9.76
CA ASP D 188 -19.11 12.50 -8.67
C ASP D 188 -20.15 13.51 -9.15
N ILE D 189 -19.82 14.28 -10.18
CA ILE D 189 -20.77 15.18 -10.79
C ILE D 189 -21.89 14.37 -11.45
N LEU D 190 -21.51 13.27 -12.10
CA LEU D 190 -22.50 12.35 -12.64
C LEU D 190 -23.29 11.68 -11.51
N GLU D 191 -22.64 11.51 -10.36
CA GLU D 191 -23.32 10.95 -9.19
C GLU D 191 -24.44 11.85 -8.68
N ASP D 192 -24.13 13.13 -8.44
CA ASP D 192 -25.13 14.07 -7.97
C ASP D 192 -26.18 14.35 -9.04
N LEU D 193 -25.77 14.28 -10.31
CA LEU D 193 -26.69 14.46 -11.42
C LEU D 193 -27.44 13.14 -11.66
N ASP D 194 -26.99 12.10 -10.96
CA ASP D 194 -27.66 10.79 -10.94
C ASP D 194 -27.75 10.15 -12.31
N LEU D 195 -26.80 10.47 -13.18
CA LEU D 195 -26.70 9.78 -14.46
C LEU D 195 -26.05 8.41 -14.26
N LEU D 196 -25.18 8.32 -13.26
CA LEU D 196 -24.45 7.08 -13.01
C LEU D 196 -24.48 6.73 -11.52
N GLU D 197 -24.34 5.44 -11.23
CA GLU D 197 -24.30 4.94 -9.86
C GLU D 197 -22.86 4.89 -9.37
N PRO D 198 -22.62 5.30 -8.10
CA PRO D 198 -21.28 5.34 -7.51
C PRO D 198 -20.51 4.02 -7.65
N ARG D 199 -19.21 4.12 -7.90
CA ARG D 199 -18.38 2.96 -8.17
C ARG D 199 -18.29 2.03 -6.96
N VAL D 200 -18.38 0.72 -7.23
CA VAL D 200 -18.28 -0.28 -6.17
C VAL D 200 -17.04 -1.15 -6.37
N SER D 201 -16.10 -1.04 -5.43
CA SER D 201 -14.86 -1.81 -5.47
C SER D 201 -15.14 -3.29 -5.25
N PRO D 202 -14.18 -4.16 -5.60
CA PRO D 202 -14.32 -5.58 -5.26
C PRO D 202 -14.49 -5.76 -3.76
N LEU D 203 -13.76 -4.96 -2.99
CA LEU D 203 -13.93 -4.88 -1.55
C LEU D 203 -15.18 -4.06 -1.23
N GLY D 204 -15.69 -4.22 0.00
CA GLY D 204 -16.87 -3.48 0.41
C GLY D 204 -16.54 -2.04 0.76
N SER D 205 -17.38 -1.39 1.55
CA SER D 205 -17.08 -0.04 2.02
C SER D 205 -15.89 -0.08 2.98
N LEU D 206 -15.22 1.05 3.13
CA LEU D 206 -14.00 1.13 3.93
C LEU D 206 -14.17 0.61 5.37
N GLU D 207 -15.23 1.02 6.04
CA GLU D 207 -15.44 0.67 7.44
C GLU D 207 -15.61 -0.84 7.64
N ASP D 208 -16.38 -1.49 6.77
CA ASP D 208 -16.63 -2.91 6.92
C ASP D 208 -15.34 -3.70 6.67
N ILE D 209 -14.56 -3.24 5.71
CA ILE D 209 -13.23 -3.81 5.46
C ILE D 209 -12.37 -3.69 6.70
N LEU D 210 -12.37 -2.50 7.30
CA LEU D 210 -11.58 -2.25 8.51
C LEU D 210 -11.94 -3.20 9.63
N GLU D 211 -13.23 -3.29 9.95
CA GLU D 211 -13.67 -4.14 11.06
C GLU D 211 -13.46 -5.63 10.76
N GLU D 212 -13.73 -6.07 9.54
CA GLU D 212 -13.58 -7.50 9.23
C GLU D 212 -12.10 -7.91 9.19
N GLU D 213 -11.24 -7.00 8.76
CA GLU D 213 -9.81 -7.26 8.75
C GLU D 213 -9.24 -7.28 10.16
N GLU D 214 -9.71 -6.34 10.98
CA GLU D 214 -9.34 -6.30 12.39
C GLU D 214 -9.75 -7.60 13.08
N GLN D 215 -11.00 -8.01 12.85
CA GLN D 215 -11.55 -9.23 13.43
C GLN D 215 -10.76 -10.46 12.98
N ALA D 216 -10.46 -10.52 11.69
CA ALA D 216 -9.69 -11.64 11.14
C ALA D 216 -8.30 -11.69 11.76
N ALA D 217 -7.69 -10.52 11.94
CA ALA D 217 -6.37 -10.41 12.54
C ALA D 217 -6.39 -10.93 13.98
N LYS D 218 -7.38 -10.49 14.74
CA LYS D 218 -7.52 -10.90 16.14
C LYS D 218 -7.80 -12.39 16.25
N ASN D 219 -8.60 -12.91 15.32
CA ASN D 219 -8.93 -14.33 15.30
C ASN D 219 -7.72 -15.21 14.99
N GLU D 220 -6.99 -14.85 13.94
CA GLU D 220 -5.79 -15.59 13.57
C GLU D 220 -4.74 -15.52 14.68
N ASP D 221 -4.57 -14.33 15.24
CA ASP D 221 -3.60 -14.13 16.31
C ASP D 221 -3.97 -14.92 17.56
N GLY D 222 -5.26 -15.16 17.75
CA GLY D 222 -5.75 -15.90 18.90
C GLY D 222 -7.14 -15.50 19.31
N THR E 5 9.13 -7.96 -14.11
CA THR E 5 7.87 -7.98 -14.84
C THR E 5 7.21 -9.35 -14.76
N THR E 6 7.56 -10.13 -13.75
CA THR E 6 6.96 -11.45 -13.55
C THR E 6 5.65 -11.35 -12.79
N ASP E 7 4.57 -11.78 -13.44
CA ASP E 7 3.23 -11.61 -12.89
C ASP E 7 2.94 -12.56 -11.72
N ASP E 8 3.39 -13.80 -11.83
CA ASP E 8 3.00 -14.86 -10.88
C ASP E 8 4.01 -15.16 -9.77
N VAL E 9 5.09 -14.39 -9.68
CA VAL E 9 6.17 -14.69 -8.73
C VAL E 9 5.73 -14.67 -7.26
N ASP E 10 4.95 -13.68 -6.85
CA ASP E 10 4.51 -13.62 -5.46
C ASP E 10 3.06 -13.14 -5.35
N PRO E 11 2.10 -14.06 -5.49
CA PRO E 11 0.68 -13.71 -5.48
C PRO E 11 0.23 -12.99 -4.20
N GLU E 12 0.70 -13.44 -3.04
CA GLU E 12 0.27 -12.86 -1.77
C GLU E 12 0.74 -11.42 -1.59
N ALA E 13 2.03 -11.18 -1.81
CA ALA E 13 2.61 -9.85 -1.63
C ALA E 13 2.00 -8.87 -2.63
N GLU E 14 1.86 -9.33 -3.87
CA GLU E 14 1.30 -8.52 -4.94
C GLU E 14 -0.16 -8.17 -4.65
N TYR E 15 -0.91 -9.15 -4.16
CA TYR E 15 -2.30 -8.92 -3.78
C TYR E 15 -2.37 -7.91 -2.65
N ALA E 16 -1.44 -8.03 -1.70
CA ALA E 16 -1.42 -7.12 -0.56
C ALA E 16 -1.17 -5.69 -1.03
N ALA E 17 -0.17 -5.52 -1.89
CA ALA E 17 0.18 -4.20 -2.41
C ALA E 17 -0.98 -3.61 -3.20
N TRP E 18 -1.62 -4.44 -4.02
CA TRP E 18 -2.77 -3.98 -4.80
C TRP E 18 -3.90 -3.53 -3.88
N LYS E 19 -4.16 -4.33 -2.84
CA LYS E 19 -5.17 -4.00 -1.84
C LYS E 19 -4.87 -2.65 -1.21
N LEU E 20 -3.60 -2.39 -0.93
CA LEU E 20 -3.18 -1.11 -0.39
C LEU E 20 -3.46 0.02 -1.38
N ARG E 21 -3.22 -0.23 -2.66
CA ARG E 21 -3.50 0.76 -3.70
C ARG E 21 -4.99 1.10 -3.77
N GLU E 22 -5.82 0.08 -3.88
CA GLU E 22 -7.26 0.25 -3.96
C GLU E 22 -7.80 0.96 -2.72
N LEU E 23 -7.25 0.58 -1.56
CA LEU E 23 -7.61 1.23 -0.31
C LEU E 23 -7.26 2.72 -0.33
N ARG E 24 -6.11 3.04 -0.90
CA ARG E 24 -5.69 4.43 -1.06
C ARG E 24 -6.69 5.19 -1.92
N ARG E 25 -7.10 4.56 -3.01
CA ARG E 25 -8.10 5.12 -3.91
C ARG E 25 -9.40 5.44 -3.18
N LEU E 26 -9.96 4.42 -2.53
CA LEU E 26 -11.22 4.55 -1.80
C LEU E 26 -11.13 5.62 -0.71
N ARG E 27 -9.94 5.74 -0.11
CA ARG E 27 -9.73 6.73 0.93
C ARG E 27 -9.73 8.14 0.36
N ARG E 28 -9.10 8.31 -0.80
CA ARG E 28 -9.08 9.62 -1.46
C ARG E 28 -10.48 10.04 -1.89
N GLU E 29 -11.23 9.09 -2.43
CA GLU E 29 -12.61 9.34 -2.84
C GLU E 29 -13.46 9.72 -1.64
N ARG E 30 -13.27 9.01 -0.53
CA ARG E 30 -13.99 9.31 0.70
C ARG E 30 -13.63 10.69 1.23
N ASP E 31 -12.36 11.07 1.07
CA ASP E 31 -11.91 12.40 1.45
C ASP E 31 -12.65 13.47 0.63
N ALA E 32 -12.82 13.19 -0.66
CA ALA E 32 -13.54 14.12 -1.54
C ALA E 32 -14.98 14.26 -1.07
N ILE E 33 -15.63 13.12 -0.84
CA ILE E 33 -17.03 13.11 -0.41
C ILE E 33 -17.21 13.88 0.89
N GLU E 34 -16.32 13.63 1.85
CA GLU E 34 -16.36 14.30 3.15
C GLU E 34 -16.18 15.81 2.98
N ALA E 35 -15.30 16.20 2.07
CA ALA E 35 -15.06 17.61 1.81
C ALA E 35 -16.32 18.29 1.29
N ARG E 36 -16.90 17.71 0.23
CA ARG E 36 -18.11 18.28 -0.36
C ARG E 36 -19.26 18.32 0.64
N GLU E 37 -19.34 17.28 1.48
CA GLU E 37 -20.36 17.22 2.52
C GLU E 37 -20.21 18.35 3.55
N ARG E 38 -18.99 18.53 4.05
CA ARG E 38 -18.76 19.54 5.09
C ARG E 38 -18.94 20.95 4.54
N GLU E 39 -18.59 21.18 3.28
CA GLU E 39 -18.85 22.49 2.67
C GLU E 39 -20.35 22.73 2.47
N LEU E 40 -21.02 21.78 1.82
CA LEU E 40 -22.43 21.90 1.50
C LEU E 40 -23.32 22.04 2.74
N ALA E 41 -22.93 21.37 3.82
CA ALA E 41 -23.69 21.49 5.07
C ALA E 41 -23.67 22.93 5.58
N GLU E 42 -22.46 23.48 5.68
CA GLU E 42 -22.28 24.85 6.17
C GLU E 42 -23.00 25.86 5.26
N LEU E 43 -22.85 25.73 3.95
CA LEU E 43 -23.51 26.67 3.03
C LEU E 43 -25.04 26.55 3.07
N GLU E 44 -25.55 25.33 3.20
CA GLU E 44 -26.98 25.12 3.27
C GLU E 44 -27.53 25.75 4.55
N ARG E 45 -26.85 25.50 5.67
CA ARG E 45 -27.23 26.12 6.95
C ARG E 45 -27.16 27.65 6.81
N ARG E 46 -26.19 28.12 6.04
CA ARG E 46 -26.03 29.53 5.73
C ARG E 46 -27.30 30.08 5.10
N ARG E 47 -27.83 29.32 4.14
CA ARG E 47 -29.08 29.68 3.49
C ARG E 47 -30.33 29.60 4.40
N ASN E 48 -30.43 28.54 5.19
CA ASN E 48 -31.69 28.25 5.88
C ASN E 48 -32.15 29.33 6.84
N LEU E 49 -31.22 29.91 7.60
CA LEU E 49 -31.59 30.86 8.64
C LEU E 49 -30.49 31.91 8.81
N THR E 50 -30.89 33.11 9.19
CA THR E 50 -29.96 34.20 9.49
C THR E 50 -29.05 34.47 8.29
N GLU E 51 -29.65 34.59 7.12
CA GLU E 51 -28.91 34.88 5.90
C GLU E 51 -28.20 36.21 6.04
N GLU E 52 -28.89 37.16 6.66
CA GLU E 52 -28.35 38.48 6.91
C GLU E 52 -27.12 38.40 7.81
N GLU E 53 -27.22 37.57 8.85
CA GLU E 53 -26.12 37.37 9.79
C GLU E 53 -24.93 36.70 9.13
N ARG E 54 -25.20 35.71 8.28
CA ARG E 54 -24.14 35.05 7.53
C ARG E 54 -23.45 36.05 6.62
N ARG E 55 -24.26 36.93 6.03
CA ARG E 55 -23.69 37.96 5.19
C ARG E 55 -22.78 38.83 6.03
N ALA E 56 -23.22 39.13 7.24
CA ALA E 56 -22.45 39.94 8.17
C ALA E 56 -21.12 39.24 8.46
N GLU E 57 -21.18 37.91 8.54
CA GLU E 57 -20.00 37.08 8.72
C GLU E 57 -19.09 37.22 7.51
N ASP E 58 -19.67 37.25 6.32
CA ASP E 58 -18.91 37.42 5.08
C ASP E 58 -18.20 38.77 5.08
N GLU E 59 -18.87 39.79 5.60
CA GLU E 59 -18.29 41.12 5.75
C GLU E 59 -17.14 41.07 6.75
N ALA E 60 -17.32 40.28 7.81
CA ALA E 60 -16.26 40.05 8.79
C ALA E 60 -15.04 39.46 8.09
N HIS E 61 -15.29 38.49 7.20
CA HIS E 61 -14.24 37.84 6.43
C HIS E 61 -13.58 38.86 5.48
N LEU E 62 -14.38 39.79 4.99
CA LEU E 62 -13.89 40.89 4.16
C LEU E 62 -12.98 41.80 4.97
N ALA E 63 -13.36 42.05 6.22
CA ALA E 63 -12.57 42.88 7.13
C ALA E 63 -11.24 42.23 7.45
N THR F 9 -13.33 -9.29 -39.31
CA THR F 9 -12.86 -8.20 -38.45
C THR F 9 -12.27 -8.74 -37.15
N ALA F 10 -13.07 -8.72 -36.09
CA ALA F 10 -12.64 -9.19 -34.77
C ALA F 10 -12.28 -10.67 -34.78
N GLU F 11 -12.93 -11.44 -35.63
CA GLU F 11 -12.68 -12.88 -35.74
C GLU F 11 -11.27 -13.14 -36.28
N GLU F 12 -10.84 -12.33 -37.23
CA GLU F 12 -9.49 -12.44 -37.78
C GLU F 12 -8.47 -12.19 -36.67
N VAL F 13 -8.71 -11.15 -35.90
CA VAL F 13 -7.86 -10.82 -34.76
C VAL F 13 -7.82 -11.98 -33.78
N HIS F 14 -8.98 -12.60 -33.56
CA HIS F 14 -9.07 -13.78 -32.71
C HIS F 14 -8.13 -14.87 -33.21
N ALA F 15 -8.26 -15.23 -34.49
CA ALA F 15 -7.44 -16.29 -35.07
C ALA F 15 -5.95 -15.99 -34.94
N ARG F 16 -5.58 -14.74 -35.20
CA ARG F 16 -4.20 -14.30 -35.08
C ARG F 16 -3.70 -14.47 -33.64
N ILE F 17 -4.50 -14.03 -32.68
CA ILE F 17 -4.14 -14.16 -31.26
C ILE F 17 -4.00 -15.62 -30.87
N GLU F 18 -4.84 -16.49 -31.43
CA GLU F 18 -4.71 -17.92 -31.18
C GLU F 18 -3.37 -18.42 -31.70
N PHE F 19 -3.05 -18.07 -32.94
CA PHE F 19 -1.77 -18.44 -33.56
C PHE F 19 -0.60 -18.00 -32.69
N LEU F 20 -0.64 -16.74 -32.23
CA LEU F 20 0.39 -16.19 -31.38
C LEU F 20 0.52 -16.97 -30.08
N TRP F 21 -0.63 -17.29 -29.48
CA TRP F 21 -0.65 -18.02 -28.22
C TRP F 21 -0.02 -19.39 -28.36
N GLN F 22 -0.44 -20.13 -29.39
CA GLN F 22 0.12 -21.45 -29.66
C GLN F 22 1.63 -21.35 -29.90
N ARG F 23 2.04 -20.27 -30.58
CA ARG F 23 3.46 -20.01 -30.80
C ARG F 23 4.21 -19.85 -29.47
N GLU F 24 3.61 -19.10 -28.55
CA GLU F 24 4.19 -18.89 -27.23
C GLU F 24 4.28 -20.20 -26.45
N GLN F 25 3.24 -21.02 -26.56
CA GLN F 25 3.24 -22.33 -25.93
C GLN F 25 4.36 -23.20 -26.49
N GLU F 26 4.60 -23.07 -27.79
CA GLU F 26 5.71 -23.78 -28.44
C GLU F 26 7.05 -23.27 -27.93
N LYS F 27 7.11 -21.97 -27.65
CA LYS F 27 8.33 -21.38 -27.11
C LYS F 27 8.62 -21.89 -25.70
N LYS F 28 7.58 -21.99 -24.88
CA LYS F 28 7.73 -22.46 -23.51
C LYS F 28 8.19 -23.92 -23.44
N LYS F 29 7.84 -24.69 -24.45
CA LYS F 29 8.24 -26.09 -24.53
C LYS F 29 9.77 -26.23 -24.56
#